data_6S1A
#
_entry.id   6S1A
#
_cell.length_a   42.519
_cell.length_b   69.228
_cell.length_c   90.805
_cell.angle_alpha   90.00
_cell.angle_beta   90.00
_cell.angle_gamma   90.00
#
_symmetry.space_group_name_H-M   'P 21 21 21'
#
loop_
_entity.id
_entity.type
_entity.pdbx_description
1 polymer 'Aromatic acid chemoreceptor'
2 non-polymer 'SULFATE ION'
3 water water
#
_entity_poly.entity_id   1
_entity_poly.type   'polypeptide(L)'
_entity_poly.pdbx_seq_one_letter_code
;MVPTRSTARMLANLKIRTGMFWVLSLFSLTLLFSTASAWWAALGSDQQITELDQTAHQSDRLNNALLMAIRSSANVSSGF
IEQLGGHDESAGKRMALSVELNNKSQALVDEFVENAREPALRGLATELQATFAEYAKAVAGQREATRQRSLEQYFKVNSD
AGNAMGRLQTLRQQLVTTLSERGQQIMLESDRRLARAQLLSLCLLGVTVVLAVLCWAFIAQRVLHPLREAGGHFRRIASG
DLSVPVQGQGNNEIGQLFHELQRMQQSQRDTLGQINNCARQLDAAATALNAVTEESANNLRQQGQELEQAATAVTEMTTA
VEEVARNAITTSQTTSESNQLAAQSRRQVSENIDGTEAMTREIQTSSAHLQQLVGQVRDIGKVLEVIRSVSEQTNLLALN
AAIEAARAGEAGRGFAVVADEVRTLAYRTQQSTQEIEQMIGSVQAGTEAAVASMQASTNRAQSTLDVTLASGQVLEGIYS
AIGEINERNLVIASAAEEQAQVAREVDRNLLNIRELSNHSAAGAQQTSEASKALSGLVGEMTALVGRFKV
;
_entity_poly.pdbx_strand_id   A,B
#
# COMPACT_ATOMS: atom_id res chain seq x y z
N ILE A 49 30.40 -2.69 4.60
CA ILE A 49 29.29 -2.48 3.67
C ILE A 49 28.17 -3.46 3.97
N THR A 50 28.46 -4.44 4.83
CA THR A 50 27.45 -5.38 5.28
C THR A 50 26.36 -4.67 6.08
N GLU A 51 26.75 -3.71 6.92
N GLU A 51 26.76 -3.70 6.90
CA GLU A 51 25.78 -3.01 7.74
CA GLU A 51 25.79 -3.00 7.74
C GLU A 51 24.85 -2.13 6.92
C GLU A 51 24.84 -2.14 6.91
N LEU A 52 25.28 -1.68 5.74
CA LEU A 52 24.41 -0.87 4.89
C LEU A 52 23.30 -1.72 4.28
N ASP A 53 23.67 -2.88 3.71
CA ASP A 53 22.67 -3.80 3.19
C ASP A 53 21.69 -4.23 4.28
N GLN A 54 22.18 -4.35 5.52
N GLN A 54 22.15 -4.35 5.52
CA GLN A 54 21.32 -4.68 6.65
CA GLN A 54 21.24 -4.70 6.61
C GLN A 54 20.27 -3.60 6.88
C GLN A 54 20.22 -3.59 6.84
N THR A 55 20.67 -2.33 6.79
CA THR A 55 19.73 -1.23 6.96
C THR A 55 18.75 -1.15 5.81
N ALA A 56 19.23 -1.39 4.58
CA ALA A 56 18.34 -1.35 3.42
C ALA A 56 17.31 -2.47 3.49
N HIS A 57 17.67 -3.64 4.03
CA HIS A 57 16.69 -4.71 4.14
C HIS A 57 15.67 -4.39 5.21
N GLN A 58 16.09 -3.80 6.32
CA GLN A 58 15.11 -3.30 7.29
C GLN A 58 14.15 -2.32 6.64
N SER A 59 14.64 -1.51 5.69
CA SER A 59 13.78 -0.55 5.00
C SER A 59 12.76 -1.26 4.10
N ASP A 60 13.21 -2.29 3.37
N ASP A 60 13.17 -2.31 3.39
CA ASP A 60 12.30 -3.02 2.50
CA ASP A 60 12.22 -2.97 2.49
C ASP A 60 11.24 -3.78 3.30
C ASP A 60 11.25 -3.89 3.23
N ARG A 61 11.64 -4.42 4.40
CA ARG A 61 10.66 -5.09 5.25
C ARG A 61 9.57 -4.12 5.69
N LEU A 62 9.96 -2.91 6.06
CA LEU A 62 9.00 -1.92 6.54
C LEU A 62 8.05 -1.47 5.43
N ASN A 63 8.60 -1.16 4.25
CA ASN A 63 7.78 -0.67 3.17
C ASN A 63 6.90 -1.78 2.60
N ASN A 64 7.42 -3.00 2.51
CA ASN A 64 6.60 -4.11 2.02
C ASN A 64 5.50 -4.45 3.01
N ALA A 65 5.80 -4.41 4.32
CA ALA A 65 4.79 -4.78 5.31
C ALA A 65 3.58 -3.86 5.24
N LEU A 66 3.81 -2.55 5.16
CA LEU A 66 2.71 -1.60 5.09
C LEU A 66 1.91 -1.76 3.82
N LEU A 67 2.59 -1.90 2.68
CA LEU A 67 1.87 -2.05 1.42
C LEU A 67 0.93 -3.27 1.46
N MET A 68 1.45 -4.41 1.92
CA MET A 68 0.62 -5.63 1.93
C MET A 68 -0.48 -5.56 2.99
N ALA A 69 -0.25 -4.81 4.08
CA ALA A 69 -1.29 -4.70 5.10
C ALA A 69 -2.47 -3.90 4.59
N ILE A 70 -2.21 -2.84 3.82
CA ILE A 70 -3.29 -2.08 3.19
C ILE A 70 -4.00 -2.95 2.16
N ARG A 71 -3.23 -3.65 1.32
CA ARG A 71 -3.82 -4.56 0.35
C ARG A 71 -4.75 -5.57 1.01
N SER A 72 -4.38 -6.04 2.21
CA SER A 72 -5.16 -7.07 2.87
C SER A 72 -6.55 -6.55 3.25
N SER A 73 -6.62 -5.35 3.80
CA SER A 73 -7.91 -4.75 4.13
C SER A 73 -8.70 -4.47 2.86
N ALA A 74 -8.03 -4.02 1.80
CA ALA A 74 -8.72 -3.79 0.53
C ALA A 74 -9.35 -5.06 0.00
N ASN A 75 -8.67 -6.19 0.15
CA ASN A 75 -9.20 -7.44 -0.38
C ASN A 75 -10.39 -7.93 0.43
N VAL A 76 -10.46 -7.59 1.71
CA VAL A 76 -11.64 -7.92 2.51
C VAL A 76 -12.87 -7.23 1.93
N SER A 77 -12.74 -5.92 1.66
CA SER A 77 -13.86 -5.18 1.09
C SER A 77 -14.24 -5.72 -0.28
N SER A 78 -13.25 -6.05 -1.10
CA SER A 78 -13.55 -6.65 -2.40
C SER A 78 -14.24 -7.99 -2.26
N GLY A 79 -13.85 -8.78 -1.24
CA GLY A 79 -14.53 -10.03 -1.00
C GLY A 79 -15.98 -9.82 -0.55
N PHE A 80 -16.21 -8.82 0.30
CA PHE A 80 -17.57 -8.51 0.70
C PHE A 80 -18.42 -8.08 -0.49
N ILE A 81 -17.84 -7.29 -1.41
CA ILE A 81 -18.61 -6.89 -2.59
C ILE A 81 -18.98 -8.10 -3.43
N GLU A 82 -18.05 -9.04 -3.60
N GLU A 82 -18.06 -9.05 -3.60
CA GLU A 82 -18.33 -10.25 -4.37
CA GLU A 82 -18.36 -10.23 -4.38
C GLU A 82 -19.46 -11.06 -3.73
C GLU A 82 -19.47 -11.07 -3.73
N GLN A 83 -19.48 -11.13 -2.40
CA GLN A 83 -20.51 -11.89 -1.72
C GLN A 83 -21.89 -11.24 -1.90
N LEU A 84 -21.96 -9.92 -1.80
CA LEU A 84 -23.22 -9.22 -2.01
C LEU A 84 -23.70 -9.33 -3.45
N GLY A 85 -22.79 -9.61 -4.39
CA GLY A 85 -23.17 -9.86 -5.76
C GLY A 85 -23.46 -11.29 -6.12
N GLY A 86 -23.41 -12.20 -5.14
CA GLY A 86 -23.74 -13.58 -5.38
C GLY A 86 -22.58 -14.49 -5.75
N HIS A 87 -21.35 -13.99 -5.74
CA HIS A 87 -20.18 -14.79 -6.10
C HIS A 87 -19.44 -15.19 -4.84
N ASP A 88 -19.99 -16.22 -4.18
CA ASP A 88 -19.45 -16.65 -2.89
C ASP A 88 -18.07 -17.29 -3.04
N GLU A 89 -17.82 -17.99 -4.15
CA GLU A 89 -16.51 -18.60 -4.34
C GLU A 89 -15.44 -17.52 -4.51
N SER A 90 -15.69 -16.52 -5.35
CA SER A 90 -14.74 -15.42 -5.51
C SER A 90 -14.58 -14.61 -4.22
N ALA A 91 -15.64 -14.49 -3.43
CA ALA A 91 -15.50 -13.93 -2.08
C ALA A 91 -14.54 -14.78 -1.26
N GLY A 92 -14.66 -16.10 -1.37
CA GLY A 92 -13.73 -16.98 -0.67
C GLY A 92 -12.30 -16.78 -1.09
N LYS A 93 -12.07 -16.55 -2.40
N LYS A 93 -12.07 -16.55 -2.41
CA LYS A 93 -10.72 -16.32 -2.89
CA LYS A 93 -10.73 -16.31 -2.92
C LYS A 93 -10.14 -15.02 -2.34
C LYS A 93 -10.15 -15.02 -2.35
N ARG A 94 -10.95 -13.95 -2.32
CA ARG A 94 -10.46 -12.68 -1.78
C ARG A 94 -10.17 -12.77 -0.29
N MET A 95 -10.97 -13.56 0.45
CA MET A 95 -10.68 -13.75 1.87
C MET A 95 -9.33 -14.41 2.06
N ALA A 96 -9.03 -15.44 1.27
CA ALA A 96 -7.73 -16.09 1.35
C ALA A 96 -6.61 -15.13 0.98
N LEU A 97 -6.81 -14.30 -0.04
N LEU A 97 -6.83 -14.29 -0.04
CA LEU A 97 -5.79 -13.32 -0.39
CA LEU A 97 -5.82 -13.31 -0.41
C LEU A 97 -5.54 -12.34 0.75
C LEU A 97 -5.56 -12.33 0.74
N SER A 98 -6.62 -11.91 1.43
CA SER A 98 -6.46 -10.99 2.55
C SER A 98 -5.67 -11.61 3.69
N VAL A 99 -5.96 -12.86 4.04
CA VAL A 99 -5.23 -13.54 5.11
C VAL A 99 -3.78 -13.74 4.72
N GLU A 100 -3.54 -14.13 3.47
CA GLU A 100 -2.17 -14.29 2.97
C GLU A 100 -1.37 -12.99 3.11
N LEU A 101 -1.90 -11.90 2.57
CA LEU A 101 -1.20 -10.61 2.64
C LEU A 101 -0.99 -10.17 4.07
N ASN A 102 -2.00 -10.35 4.93
CA ASN A 102 -1.83 -9.97 6.32
C ASN A 102 -0.77 -10.83 7.01
N ASN A 103 -0.74 -12.13 6.71
CA ASN A 103 0.25 -13.01 7.32
C ASN A 103 1.66 -12.67 6.87
N LYS A 104 1.84 -12.32 5.59
CA LYS A 104 3.15 -11.90 5.10
C LYS A 104 3.57 -10.59 5.77
N SER A 105 2.65 -9.63 5.84
CA SER A 105 2.95 -8.38 6.50
C SER A 105 3.38 -8.61 7.95
N GLN A 106 2.65 -9.48 8.67
CA GLN A 106 3.02 -9.79 10.05
C GLN A 106 4.39 -10.46 10.12
N ALA A 107 4.72 -11.32 9.15
CA ALA A 107 6.04 -11.95 9.15
C ALA A 107 7.14 -10.92 8.97
N LEU A 108 6.94 -9.93 8.07
CA LEU A 108 7.93 -8.89 7.87
C LEU A 108 8.03 -7.97 9.08
N VAL A 109 6.91 -7.68 9.75
CA VAL A 109 6.95 -6.83 10.93
C VAL A 109 7.78 -7.48 12.03
N ASP A 110 7.60 -8.79 12.23
N ASP A 110 7.61 -8.79 12.24
CA ASP A 110 8.36 -9.49 13.27
CA ASP A 110 8.39 -9.42 13.31
C ASP A 110 9.83 -9.62 12.90
C ASP A 110 9.84 -9.63 12.90
N GLU A 111 10.13 -9.85 11.61
CA GLU A 111 11.51 -9.87 11.15
C GLU A 111 12.19 -8.53 11.42
N PHE A 112 11.49 -7.43 11.16
CA PHE A 112 12.02 -6.11 11.44
C PHE A 112 12.36 -5.93 12.91
N VAL A 113 11.45 -6.36 13.79
CA VAL A 113 11.70 -6.27 15.24
C VAL A 113 12.90 -7.13 15.63
N GLU A 114 12.97 -8.35 15.10
CA GLU A 114 14.05 -9.26 15.47
C GLU A 114 15.41 -8.72 15.04
N ASN A 115 15.49 -8.17 13.83
CA ASN A 115 16.75 -7.65 13.31
C ASN A 115 17.00 -6.21 13.72
N ALA A 116 16.11 -5.58 14.49
CA ALA A 116 16.36 -4.24 15.00
C ALA A 116 17.27 -4.34 16.23
N ARG A 117 18.47 -3.78 16.12
CA ARG A 117 19.41 -3.81 17.24
C ARG A 117 19.88 -2.44 17.67
N GLU A 118 19.81 -1.42 16.81
N GLU A 118 19.81 -1.43 16.82
CA GLU A 118 20.18 -0.06 17.19
CA GLU A 118 20.20 -0.09 17.21
C GLU A 118 19.22 0.45 18.27
C GLU A 118 19.22 0.44 18.27
N PRO A 119 19.72 1.04 19.35
CA PRO A 119 18.81 1.49 20.42
C PRO A 119 17.80 2.55 19.99
N ALA A 120 18.15 3.41 19.03
CA ALA A 120 17.20 4.40 18.54
C ALA A 120 16.07 3.78 17.73
N LEU A 121 16.14 2.49 17.45
CA LEU A 121 15.18 1.80 16.59
C LEU A 121 14.21 0.92 17.36
N ARG A 122 14.64 0.29 18.44
N ARG A 122 14.65 0.30 18.44
CA ARG A 122 13.83 -0.77 19.03
CA ARG A 122 13.89 -0.76 19.08
C ARG A 122 12.67 -0.25 19.87
C ARG A 122 12.66 -0.22 19.81
N GLY A 123 12.75 0.98 20.38
CA GLY A 123 11.59 1.56 21.04
C GLY A 123 10.44 1.76 20.06
N LEU A 124 10.75 2.26 18.86
CA LEU A 124 9.73 2.41 17.83
C LEU A 124 9.29 1.06 17.28
N ALA A 125 10.24 0.11 17.16
CA ALA A 125 9.91 -1.21 16.63
C ALA A 125 8.90 -1.93 17.50
N THR A 126 9.04 -1.82 18.82
CA THR A 126 8.04 -2.37 19.72
C THR A 126 6.67 -1.74 19.46
N GLU A 127 6.63 -0.41 19.29
CA GLU A 127 5.37 0.28 19.01
C GLU A 127 4.77 -0.19 17.69
N LEU A 128 5.61 -0.39 16.68
CA LEU A 128 5.13 -0.88 15.39
C LEU A 128 4.49 -2.26 15.53
N GLN A 129 5.12 -3.14 16.30
CA GLN A 129 4.60 -4.49 16.48
C GLN A 129 3.29 -4.49 17.26
N ALA A 130 3.19 -3.67 18.31
CA ALA A 130 1.94 -3.57 19.06
C ALA A 130 0.83 -2.96 18.20
N THR A 131 1.16 -1.91 17.44
CA THR A 131 0.15 -1.26 16.62
C THR A 131 -0.29 -2.15 15.46
N PHE A 132 0.61 -2.99 14.93
CA PHE A 132 0.20 -3.90 13.87
C PHE A 132 -0.72 -4.99 14.41
N ALA A 133 -0.52 -5.43 15.65
CA ALA A 133 -1.44 -6.38 16.25
C ALA A 133 -2.85 -5.79 16.29
N GLU A 134 -2.95 -4.50 16.63
CA GLU A 134 -4.23 -3.81 16.59
C GLU A 134 -4.83 -3.87 15.19
N TYR A 135 -4.03 -3.53 14.17
CA TYR A 135 -4.55 -3.51 12.81
C TYR A 135 -4.99 -4.90 12.36
N ALA A 136 -4.25 -5.94 12.76
CA ALA A 136 -4.60 -7.28 12.32
C ALA A 136 -5.95 -7.72 12.89
N LYS A 137 -6.18 -7.46 14.18
N LYS A 137 -6.18 -7.46 14.18
CA LYS A 137 -7.45 -7.85 14.79
CA LYS A 137 -7.45 -7.84 14.79
C LYS A 137 -8.61 -7.10 14.15
C LYS A 137 -8.61 -7.09 14.16
N ALA A 138 -8.40 -5.83 13.79
CA ALA A 138 -9.44 -5.07 13.11
C ALA A 138 -9.75 -5.68 11.74
N VAL A 139 -8.72 -6.05 10.98
CA VAL A 139 -8.94 -6.72 9.69
C VAL A 139 -9.58 -8.08 9.90
N ALA A 140 -9.20 -8.79 10.97
CA ALA A 140 -9.93 -10.01 11.33
C ALA A 140 -11.38 -9.72 11.65
N GLY A 141 -11.64 -8.61 12.35
CA GLY A 141 -13.01 -8.20 12.59
C GLY A 141 -13.76 -7.86 11.31
N GLN A 142 -13.05 -7.34 10.30
CA GLN A 142 -13.66 -7.12 9.00
C GLN A 142 -14.05 -8.43 8.34
N ARG A 143 -13.16 -9.43 8.36
CA ARG A 143 -13.50 -10.73 7.80
C ARG A 143 -14.63 -11.38 8.57
N GLU A 144 -14.72 -11.11 9.88
N GLU A 144 -14.72 -11.11 9.87
CA GLU A 144 -15.83 -11.64 10.67
CA GLU A 144 -15.82 -11.63 10.67
C GLU A 144 -17.13 -10.91 10.36
C GLU A 144 -17.12 -10.91 10.35
N ALA A 145 -17.06 -9.60 10.09
CA ALA A 145 -18.26 -8.87 9.69
C ALA A 145 -18.77 -9.33 8.34
N THR A 146 -17.84 -9.63 7.40
CA THR A 146 -18.23 -10.26 6.15
C THR A 146 -18.96 -11.57 6.39
N ARG A 147 -18.49 -12.33 7.39
N ARG A 147 -18.50 -12.34 7.39
N ARG A 147 -18.52 -12.34 7.39
CA ARG A 147 -19.10 -13.61 7.74
CA ARG A 147 -19.13 -13.61 7.71
CA ARG A 147 -19.16 -13.62 7.64
C ARG A 147 -20.53 -13.43 8.22
C ARG A 147 -20.56 -13.42 8.19
C ARG A 147 -20.56 -13.46 8.24
N GLN A 148 -20.79 -12.41 9.02
CA GLN A 148 -22.13 -12.14 9.53
C GLN A 148 -23.06 -11.59 8.45
N ARG A 149 -22.52 -11.19 7.30
CA ARG A 149 -23.29 -10.45 6.29
C ARG A 149 -23.92 -9.22 6.91
N SER A 150 -23.20 -8.58 7.83
CA SER A 150 -23.67 -7.40 8.55
C SER A 150 -22.88 -6.20 8.06
N LEU A 151 -23.55 -5.23 7.46
CA LEU A 151 -22.85 -4.11 6.85
C LEU A 151 -22.49 -3.05 7.90
N GLU A 152 -23.43 -2.70 8.78
CA GLU A 152 -23.12 -1.67 9.78
C GLU A 152 -22.00 -2.12 10.70
N GLN A 153 -21.93 -3.42 11.02
CA GLN A 153 -20.79 -3.93 11.77
C GLN A 153 -19.49 -3.78 10.98
N TYR A 154 -19.54 -3.99 9.67
CA TYR A 154 -18.35 -3.85 8.84
C TYR A 154 -17.79 -2.43 8.93
N PHE A 155 -18.65 -1.41 8.89
CA PHE A 155 -18.18 -0.03 8.92
C PHE A 155 -17.48 0.30 10.24
N LYS A 156 -17.89 -0.32 11.33
N LYS A 156 -17.91 -0.32 11.34
CA LYS A 156 -17.29 -0.04 12.63
CA LYS A 156 -17.29 -0.06 12.64
C LYS A 156 -15.82 -0.48 12.66
C LYS A 156 -15.83 -0.48 12.64
N VAL A 157 -15.57 -1.76 12.39
CA VAL A 157 -14.19 -2.25 12.40
C VAL A 157 -13.39 -1.81 11.19
N ASN A 158 -14.05 -1.36 10.12
CA ASN A 158 -13.32 -0.69 9.04
C ASN A 158 -12.72 0.63 9.53
N SER A 159 -13.47 1.40 10.34
CA SER A 159 -12.91 2.61 10.92
C SER A 159 -11.80 2.29 11.92
N ASP A 160 -11.96 1.21 12.68
N ASP A 160 -11.90 1.18 12.65
CA ASP A 160 -10.92 0.69 13.56
CA ASP A 160 -10.82 0.84 13.57
C ASP A 160 -9.61 0.51 12.80
C ASP A 160 -9.55 0.49 12.83
N ALA A 161 -9.66 -0.18 11.68
CA ALA A 161 -8.46 -0.49 10.91
C ALA A 161 -7.82 0.78 10.37
N GLY A 162 -8.62 1.66 9.77
CA GLY A 162 -8.11 2.94 9.31
C GLY A 162 -7.47 3.73 10.44
N ASN A 163 -8.05 3.67 11.64
CA ASN A 163 -7.45 4.35 12.78
C ASN A 163 -6.08 3.75 13.12
N ALA A 164 -6.02 2.43 13.29
CA ALA A 164 -4.74 1.79 13.57
C ALA A 164 -3.77 1.94 12.40
N MET A 165 -4.27 1.93 11.16
CA MET A 165 -3.37 2.11 10.03
C MET A 165 -2.74 3.50 10.03
N GLY A 166 -3.51 4.53 10.39
CA GLY A 166 -2.94 5.87 10.48
C GLY A 166 -1.78 5.94 11.46
N ARG A 167 -1.85 5.19 12.56
CA ARG A 167 -0.75 5.17 13.50
C ARG A 167 0.40 4.28 13.03
N LEU A 168 0.11 3.28 12.19
CA LEU A 168 1.20 2.52 11.58
C LEU A 168 1.98 3.36 10.58
N GLN A 169 1.30 4.26 9.86
CA GLN A 169 1.99 5.12 8.90
C GLN A 169 2.93 6.09 9.60
N THR A 170 2.47 6.70 10.70
CA THR A 170 3.35 7.61 11.44
C THR A 170 4.56 6.86 12.00
N LEU A 171 4.35 5.66 12.52
CA LEU A 171 5.46 4.86 13.03
C LEU A 171 6.41 4.48 11.89
N ARG A 172 5.87 4.16 10.72
CA ARG A 172 6.75 3.83 9.60
C ARG A 172 7.64 5.01 9.23
N GLN A 173 7.08 6.23 9.23
CA GLN A 173 7.86 7.40 8.88
C GLN A 173 8.99 7.65 9.86
N GLN A 174 8.74 7.46 11.16
CA GLN A 174 9.80 7.61 12.16
C GLN A 174 10.90 6.58 11.95
N LEU A 175 10.53 5.33 11.67
CA LEU A 175 11.52 4.27 11.52
C LEU A 175 12.33 4.45 10.25
N VAL A 176 11.69 4.82 9.14
CA VAL A 176 12.44 5.12 7.93
C VAL A 176 13.46 6.22 8.19
N THR A 177 13.07 7.26 8.92
CA THR A 177 13.99 8.35 9.23
C THR A 177 15.14 7.88 10.11
N THR A 178 14.83 7.11 11.15
CA THR A 178 15.88 6.52 11.98
C THR A 178 16.78 5.61 11.16
N LEU A 179 16.20 4.78 10.30
CA LEU A 179 16.99 3.84 9.51
C LEU A 179 17.92 4.57 8.54
N SER A 180 17.40 5.54 7.80
CA SER A 180 18.25 6.16 6.79
C SER A 180 19.25 7.13 7.43
N GLU A 181 18.96 7.63 8.63
CA GLU A 181 19.97 8.39 9.36
C GLU A 181 21.15 7.48 9.71
N ARG A 182 20.85 6.30 10.22
CA ARG A 182 21.84 5.32 10.55
C ARG A 182 22.67 4.91 9.33
N GLY A 183 22.02 4.75 8.20
CA GLY A 183 22.74 4.41 6.97
C GLY A 183 23.66 5.52 6.51
N GLN A 184 23.16 6.76 6.55
CA GLN A 184 24.02 7.90 6.19
C GLN A 184 25.16 8.10 7.18
N GLN A 185 24.92 7.77 8.43
CA GLN A 185 25.98 7.89 9.38
C GLN A 185 27.13 6.92 9.04
N ILE A 186 26.83 5.67 8.71
CA ILE A 186 27.84 4.68 8.37
C ILE A 186 28.71 5.15 7.22
N MET A 187 28.11 5.84 6.25
N MET A 187 28.10 5.83 6.24
CA MET A 187 28.85 6.27 5.06
CA MET A 187 28.82 6.30 5.07
C MET A 187 29.70 7.52 5.31
C MET A 187 29.77 7.45 5.40
N LEU A 188 29.35 8.34 6.30
CA LEU A 188 30.13 9.55 6.59
C LEU A 188 31.37 9.28 7.44
N ILE B 49 27.36 14.81 -1.71
CA ILE B 49 26.21 14.37 -0.92
C ILE B 49 24.93 14.83 -1.59
N THR B 50 25.06 15.69 -2.60
CA THR B 50 23.89 16.12 -3.36
C THR B 50 23.38 14.99 -4.26
N GLU B 51 24.29 14.25 -4.89
CA GLU B 51 23.89 13.09 -5.68
C GLU B 51 23.24 12.02 -4.81
N LEU B 52 23.68 11.91 -3.55
CA LEU B 52 23.06 10.98 -2.62
C LEU B 52 21.70 11.47 -2.15
N ASP B 53 21.53 12.79 -2.02
N ASP B 53 21.50 12.78 -2.06
CA ASP B 53 20.25 13.34 -1.60
CA ASP B 53 20.19 13.31 -1.71
C ASP B 53 19.20 13.23 -2.69
C ASP B 53 19.20 13.18 -2.87
N GLN B 54 19.61 13.06 -3.94
N GLN B 54 19.69 13.10 -4.10
CA GLN B 54 18.63 12.87 -5.01
CA GLN B 54 18.80 12.85 -5.23
C GLN B 54 18.18 11.42 -5.11
C GLN B 54 18.24 11.44 -5.18
N THR B 55 19.09 10.46 -4.88
CA THR B 55 18.62 9.08 -4.78
C THR B 55 17.74 8.89 -3.56
N ALA B 56 17.96 9.68 -2.51
CA ALA B 56 17.07 9.69 -1.37
C ALA B 56 15.70 10.25 -1.75
N HIS B 57 15.67 11.40 -2.43
CA HIS B 57 14.40 11.94 -2.87
C HIS B 57 13.70 11.00 -3.84
N GLN B 58 14.47 10.32 -4.70
CA GLN B 58 13.86 9.41 -5.67
C GLN B 58 13.19 8.23 -4.96
N SER B 59 13.83 7.69 -3.93
N SER B 59 13.83 7.70 -3.93
CA SER B 59 13.23 6.59 -3.18
CA SER B 59 13.23 6.59 -3.18
C SER B 59 11.99 7.07 -2.43
C SER B 59 12.00 7.05 -2.41
N ASP B 60 12.00 8.31 -1.94
CA ASP B 60 10.82 8.82 -1.24
C ASP B 60 9.65 9.02 -2.19
N ARG B 61 9.91 9.58 -3.38
CA ARG B 61 8.86 9.68 -4.39
C ARG B 61 8.25 8.32 -4.69
N LEU B 62 9.08 7.29 -4.82
CA LEU B 62 8.59 5.98 -5.20
C LEU B 62 7.79 5.34 -4.08
N ASN B 63 8.33 5.39 -2.85
CA ASN B 63 7.64 4.76 -1.73
C ASN B 63 6.34 5.47 -1.41
N ASN B 64 6.32 6.80 -1.46
CA ASN B 64 5.08 7.52 -1.20
C ASN B 64 4.06 7.27 -2.30
N ALA B 65 4.51 7.31 -3.56
CA ALA B 65 3.58 7.06 -4.67
C ALA B 65 2.88 5.70 -4.52
N LEU B 66 3.63 4.66 -4.13
CA LEU B 66 3.01 3.35 -3.98
C LEU B 66 2.01 3.34 -2.84
N LEU B 67 2.41 3.88 -1.68
CA LEU B 67 1.50 3.88 -0.54
C LEU B 67 0.21 4.63 -0.86
N MET B 68 0.30 5.75 -1.60
CA MET B 68 -0.93 6.47 -1.90
C MET B 68 -1.74 5.78 -2.99
N ALA B 69 -1.08 5.08 -3.92
CA ALA B 69 -1.83 4.36 -4.94
C ALA B 69 -2.58 3.19 -4.33
N ILE B 70 -1.94 2.42 -3.45
CA ILE B 70 -2.65 1.34 -2.78
C ILE B 70 -3.80 1.89 -1.94
N ARG B 71 -3.57 3.01 -1.24
N ARG B 71 -3.59 3.03 -1.28
CA ARG B 71 -4.66 3.60 -0.45
CA ARG B 71 -4.67 3.65 -0.51
C ARG B 71 -5.79 4.10 -1.34
C ARG B 71 -5.79 4.14 -1.40
N SER B 72 -5.47 4.54 -2.56
N SER B 72 -5.47 4.57 -2.63
CA SER B 72 -6.51 5.06 -3.45
CA SER B 72 -6.51 5.08 -3.52
C SER B 72 -7.52 3.98 -3.83
C SER B 72 -7.52 3.99 -3.85
N SER B 73 -7.04 2.79 -4.17
CA SER B 73 -7.96 1.71 -4.55
C SER B 73 -8.67 1.13 -3.33
N ALA B 74 -7.99 1.10 -2.18
CA ALA B 74 -8.64 0.64 -0.95
C ALA B 74 -9.81 1.53 -0.57
N ASN B 75 -9.71 2.84 -0.82
CA ASN B 75 -10.81 3.74 -0.53
C ASN B 75 -11.99 3.52 -1.46
N VAL B 76 -11.72 3.07 -2.70
CA VAL B 76 -12.81 2.85 -3.65
C VAL B 76 -13.62 1.62 -3.26
N SER B 77 -12.94 0.53 -2.90
CA SER B 77 -13.67 -0.66 -2.45
C SER B 77 -14.41 -0.39 -1.15
N SER B 78 -13.79 0.34 -0.22
CA SER B 78 -14.48 0.73 1.00
C SER B 78 -15.64 1.67 0.69
N GLY B 79 -15.43 2.62 -0.22
CA GLY B 79 -16.52 3.47 -0.64
C GLY B 79 -17.64 2.68 -1.28
N PHE B 80 -17.30 1.66 -2.08
CA PHE B 80 -18.33 0.90 -2.77
C PHE B 80 -19.22 0.14 -1.79
N ILE B 81 -18.63 -0.48 -0.76
CA ILE B 81 -19.44 -1.18 0.23
C ILE B 81 -20.29 -0.19 1.01
N GLU B 82 -19.75 0.99 1.29
CA GLU B 82 -20.52 2.00 2.00
C GLU B 82 -21.79 2.38 1.24
N GLN B 83 -21.69 2.45 -0.09
CA GLN B 83 -22.89 2.70 -0.89
C GLN B 83 -23.90 1.57 -0.75
N LEU B 84 -23.42 0.32 -0.77
CA LEU B 84 -24.30 -0.83 -0.62
C LEU B 84 -25.00 -0.83 0.73
N GLY B 85 -24.32 -0.37 1.78
CA GLY B 85 -24.96 -0.23 3.07
C GLY B 85 -25.76 1.03 3.29
N GLY B 86 -25.83 1.92 2.30
CA GLY B 86 -26.56 3.16 2.44
C GLY B 86 -25.80 4.29 3.09
N HIS B 87 -24.49 4.15 3.28
CA HIS B 87 -23.65 5.21 3.84
C HIS B 87 -23.07 6.04 2.70
N ASP B 88 -23.96 6.83 2.10
CA ASP B 88 -23.62 7.51 0.84
C ASP B 88 -22.76 8.75 1.07
N GLU B 89 -22.97 9.42 2.20
N GLU B 89 -22.91 9.44 2.20
CA GLU B 89 -22.10 10.54 2.57
CA GLU B 89 -22.01 10.56 2.45
C GLU B 89 -20.67 10.08 2.72
C GLU B 89 -20.59 10.07 2.70
N SER B 90 -20.45 9.01 3.49
N SER B 90 -20.45 8.99 3.47
CA SER B 90 -19.11 8.50 3.69
CA SER B 90 -19.12 8.44 3.71
C SER B 90 -18.49 8.04 2.38
C SER B 90 -18.47 7.95 2.43
N ALA B 91 -19.27 7.34 1.54
CA ALA B 91 -18.72 6.85 0.28
C ALA B 91 -18.24 8.00 -0.61
N GLY B 92 -18.98 9.11 -0.63
CA GLY B 92 -18.54 10.27 -1.40
C GLY B 92 -17.22 10.83 -0.88
N LYS B 93 -17.04 10.79 0.44
N LYS B 93 -17.05 10.80 0.45
CA LYS B 93 -15.76 11.25 1.00
CA LYS B 93 -15.80 11.22 1.06
C LYS B 93 -14.62 10.34 0.58
C LYS B 93 -14.64 10.34 0.60
N ARG B 94 -14.84 9.01 0.60
CA ARG B 94 -13.81 8.08 0.16
C ARG B 94 -13.46 8.29 -1.31
N MET B 95 -14.46 8.59 -2.13
N MET B 95 -14.46 8.60 -2.14
CA MET B 95 -14.22 8.84 -3.55
CA MET B 95 -14.17 8.82 -3.56
C MET B 95 -13.32 10.06 -3.75
C MET B 95 -13.31 10.07 -3.75
N ALA B 96 -13.57 11.12 -2.97
CA ALA B 96 -12.73 12.31 -3.08
C ALA B 96 -11.31 12.02 -2.64
N LEU B 97 -11.14 11.25 -1.56
CA LEU B 97 -9.80 10.90 -1.14
C LEU B 97 -9.10 10.06 -2.20
N SER B 98 -9.81 9.11 -2.81
CA SER B 98 -9.19 8.26 -3.83
C SER B 98 -8.71 9.08 -5.02
N VAL B 99 -9.49 10.08 -5.44
CA VAL B 99 -9.07 10.88 -6.59
C VAL B 99 -7.85 11.73 -6.24
N GLU B 100 -7.84 12.32 -5.05
N GLU B 100 -7.85 12.32 -5.05
CA GLU B 100 -6.68 13.12 -4.63
CA GLU B 100 -6.69 13.12 -4.64
C GLU B 100 -5.43 12.26 -4.47
C GLU B 100 -5.44 12.25 -4.48
N LEU B 101 -5.58 11.07 -3.87
CA LEU B 101 -4.44 10.18 -3.73
C LEU B 101 -3.92 9.73 -5.09
N ASN B 102 -4.83 9.39 -6.01
CA ASN B 102 -4.43 9.05 -7.37
C ASN B 102 -3.67 10.19 -8.03
N ASN B 103 -4.14 11.42 -7.84
CA ASN B 103 -3.51 12.57 -8.49
C ASN B 103 -2.10 12.80 -7.97
N LYS B 104 -1.90 12.73 -6.65
N LYS B 104 -1.92 12.74 -6.65
CA LYS B 104 -0.59 12.99 -6.09
CA LYS B 104 -0.60 12.98 -6.07
C LYS B 104 0.39 11.86 -6.40
C LYS B 104 0.37 11.87 -6.44
N SER B 105 -0.08 10.62 -6.36
CA SER B 105 0.79 9.49 -6.68
C SER B 105 1.16 9.47 -8.15
N GLN B 106 0.22 9.86 -9.03
CA GLN B 106 0.59 10.02 -10.43
C GLN B 106 1.65 11.09 -10.60
N ALA B 107 1.53 12.19 -9.86
CA ALA B 107 2.53 13.25 -9.94
C ALA B 107 3.89 12.79 -9.43
N LEU B 108 3.90 11.95 -8.38
CA LEU B 108 5.18 11.44 -7.87
C LEU B 108 5.81 10.46 -8.84
N VAL B 109 5.01 9.56 -9.41
CA VAL B 109 5.53 8.61 -10.39
C VAL B 109 6.10 9.34 -11.60
N ASP B 110 5.36 10.33 -12.12
CA ASP B 110 5.85 11.13 -13.24
C ASP B 110 7.20 11.74 -12.92
N GLU B 111 7.30 12.41 -11.77
N GLU B 111 7.32 12.43 -11.78
CA GLU B 111 8.56 13.04 -11.36
CA GLU B 111 8.60 13.03 -11.42
C GLU B 111 9.68 12.02 -11.24
C GLU B 111 9.69 11.99 -11.29
N PHE B 112 9.36 10.83 -10.72
CA PHE B 112 10.38 9.78 -10.54
C PHE B 112 10.93 9.30 -11.88
N VAL B 113 10.04 9.00 -12.82
CA VAL B 113 10.45 8.47 -14.10
C VAL B 113 11.28 9.48 -14.87
N GLU B 114 10.89 10.76 -14.80
N GLU B 114 10.89 10.76 -14.82
CA GLU B 114 11.58 11.81 -15.57
CA GLU B 114 11.61 11.77 -15.60
C GLU B 114 12.98 12.05 -15.06
C GLU B 114 13.03 11.97 -15.08
N ASN B 115 13.24 11.76 -13.77
CA ASN B 115 14.55 11.94 -13.17
C ASN B 115 15.43 10.70 -13.24
N ALA B 116 14.86 9.56 -13.66
CA ALA B 116 15.61 8.30 -13.68
C ALA B 116 16.36 8.19 -15.00
N ARG B 117 17.50 8.87 -15.06
N ARG B 117 17.52 8.85 -15.04
CA ARG B 117 18.31 8.87 -16.27
CA ARG B 117 18.36 8.84 -16.23
C ARG B 117 19.36 7.76 -16.29
C ARG B 117 19.40 7.72 -16.22
N GLU B 118 19.63 7.16 -15.13
N GLU B 118 19.70 7.15 -15.05
CA GLU B 118 20.72 6.21 -15.01
CA GLU B 118 20.77 6.17 -14.96
C GLU B 118 20.42 4.93 -15.80
C GLU B 118 20.44 4.93 -15.78
N PRO B 119 21.42 4.33 -16.44
CA PRO B 119 21.13 3.20 -17.35
C PRO B 119 20.58 1.97 -16.64
N ALA B 120 21.02 1.68 -15.42
CA ALA B 120 20.44 0.58 -14.68
C ALA B 120 19.01 0.84 -14.23
N LEU B 121 18.55 2.10 -14.32
CA LEU B 121 17.25 2.52 -13.87
C LEU B 121 16.22 2.63 -14.99
N ARG B 122 16.66 3.12 -16.16
CA ARG B 122 15.73 3.55 -17.21
C ARG B 122 14.76 2.45 -17.60
N GLY B 123 15.25 1.21 -17.71
CA GLY B 123 14.36 0.12 -18.06
C GLY B 123 13.29 -0.12 -17.03
N LEU B 124 13.68 -0.24 -15.76
CA LEU B 124 12.71 -0.44 -14.70
C LEU B 124 11.81 0.77 -14.51
N ALA B 125 12.34 1.97 -14.70
CA ALA B 125 11.51 3.17 -14.59
C ALA B 125 10.42 3.18 -15.65
N THR B 126 10.76 2.73 -16.86
CA THR B 126 9.74 2.63 -17.90
C THR B 126 8.70 1.57 -17.56
N GLU B 127 9.14 0.44 -16.97
N GLU B 127 9.16 0.42 -17.01
CA GLU B 127 8.19 -0.58 -16.56
CA GLU B 127 8.23 -0.59 -16.51
C GLU B 127 7.21 -0.04 -15.51
C GLU B 127 7.22 0.02 -15.56
N LEU B 128 7.71 0.79 -14.58
CA LEU B 128 6.83 1.40 -13.59
C LEU B 128 5.84 2.37 -14.25
N GLN B 129 6.31 3.19 -15.18
CA GLN B 129 5.43 4.12 -15.86
C GLN B 129 4.29 3.38 -16.56
N ALA B 130 4.64 2.32 -17.29
CA ALA B 130 3.63 1.49 -17.96
C ALA B 130 2.71 0.83 -16.94
N THR B 131 3.28 0.19 -15.92
CA THR B 131 2.44 -0.53 -14.97
C THR B 131 1.51 0.42 -14.22
N PHE B 132 2.02 1.59 -13.81
CA PHE B 132 1.18 2.54 -13.09
C PHE B 132 0.10 3.14 -13.99
N ALA B 133 0.38 3.35 -15.28
CA ALA B 133 -0.67 3.83 -16.18
C ALA B 133 -1.81 2.83 -16.24
N GLU B 134 -1.50 1.54 -16.22
N GLU B 134 -1.48 1.54 -16.25
CA GLU B 134 -2.54 0.53 -16.26
CA GLU B 134 -2.49 0.49 -16.24
C GLU B 134 -3.21 0.31 -14.91
C GLU B 134 -3.25 0.50 -14.92
N TYR B 135 -2.55 0.70 -13.81
CA TYR B 135 -3.20 0.66 -12.50
C TYR B 135 -4.17 1.82 -12.35
N ALA B 136 -3.77 3.04 -12.74
CA ALA B 136 -4.69 4.18 -12.66
C ALA B 136 -5.90 3.96 -13.57
N LYS B 137 -5.72 3.28 -14.70
N LYS B 137 -5.73 3.28 -14.70
CA LYS B 137 -6.85 2.99 -15.58
CA LYS B 137 -6.85 3.01 -15.58
C LYS B 137 -7.87 2.10 -14.90
C LYS B 137 -7.87 2.09 -14.91
N ALA B 138 -7.42 1.14 -14.10
CA ALA B 138 -8.33 0.23 -13.42
C ALA B 138 -9.00 0.90 -12.22
N VAL B 139 -8.24 1.69 -11.44
CA VAL B 139 -8.85 2.34 -10.28
C VAL B 139 -9.86 3.39 -10.74
N ALA B 140 -9.56 4.08 -11.84
CA ALA B 140 -10.56 5.00 -12.41
C ALA B 140 -11.82 4.26 -12.84
N GLY B 141 -11.67 3.03 -13.33
CA GLY B 141 -12.83 2.22 -13.67
C GLY B 141 -13.59 1.77 -12.44
N GLN B 142 -12.89 1.49 -11.34
CA GLN B 142 -13.56 1.20 -10.08
C GLN B 142 -14.35 2.39 -9.58
N ARG B 143 -13.80 3.60 -9.74
CA ARG B 143 -14.50 4.80 -9.31
C ARG B 143 -15.72 5.05 -10.17
N GLU B 144 -15.61 4.82 -11.49
N GLU B 144 -15.60 4.83 -11.48
CA GLU B 144 -16.75 5.00 -12.38
CA GLU B 144 -16.75 5.00 -12.38
C GLU B 144 -17.87 4.03 -12.05
C GLU B 144 -17.87 4.04 -12.02
N ALA B 145 -17.52 2.79 -11.71
CA ALA B 145 -18.53 1.81 -11.32
C ALA B 145 -19.22 2.21 -10.02
N THR B 146 -18.45 2.76 -9.07
CA THR B 146 -19.04 3.14 -7.79
C THR B 146 -19.99 4.33 -7.94
N ARG B 147 -19.64 5.30 -8.80
CA ARG B 147 -20.56 6.41 -9.06
C ARG B 147 -21.82 5.92 -9.73
N GLN B 148 -21.71 4.94 -10.63
N GLN B 148 -21.70 4.98 -10.66
CA GLN B 148 -22.89 4.37 -11.28
CA GLN B 148 -22.85 4.38 -11.31
C GLN B 148 -23.57 3.30 -10.43
C GLN B 148 -23.53 3.32 -10.44
N ARG B 149 -23.00 2.94 -9.28
N ARG B 149 -22.91 2.94 -9.31
CA ARG B 149 -23.59 1.95 -8.37
CA ARG B 149 -23.49 1.98 -8.38
C ARG B 149 -23.86 0.63 -9.09
C ARG B 149 -23.83 0.67 -9.08
N SER B 150 -22.92 0.22 -9.94
CA SER B 150 -23.09 -0.96 -10.79
C SER B 150 -22.16 -2.07 -10.30
N LEU B 151 -22.74 -3.12 -9.72
CA LEU B 151 -21.96 -4.31 -9.36
C LEU B 151 -21.31 -4.92 -10.60
N GLU B 152 -22.03 -4.91 -11.73
N GLU B 152 -22.05 -4.92 -11.71
CA GLU B 152 -21.49 -5.56 -12.92
CA GLU B 152 -21.56 -5.50 -12.95
C GLU B 152 -20.29 -4.81 -13.48
C GLU B 152 -20.31 -4.80 -13.44
N GLN B 153 -20.31 -3.47 -13.43
CA GLN B 153 -19.15 -2.71 -13.87
C GLN B 153 -17.97 -2.90 -12.92
N TYR B 154 -18.23 -2.96 -11.62
CA TYR B 154 -17.16 -3.09 -10.65
C TYR B 154 -16.37 -4.37 -10.87
N PHE B 155 -17.08 -5.48 -11.11
CA PHE B 155 -16.42 -6.78 -11.25
C PHE B 155 -15.56 -6.90 -12.50
N LYS B 156 -15.70 -5.97 -13.44
N LYS B 156 -15.70 -5.98 -13.45
CA LYS B 156 -14.87 -6.03 -14.65
CA LYS B 156 -14.87 -6.03 -14.65
C LYS B 156 -13.43 -5.61 -14.36
C LYS B 156 -13.43 -5.60 -14.37
N VAL B 157 -13.24 -4.62 -13.49
CA VAL B 157 -11.92 -3.99 -13.31
C VAL B 157 -11.34 -4.22 -11.92
N ASN B 158 -12.05 -4.84 -11.00
N ASN B 158 -12.05 -4.87 -11.01
CA ASN B 158 -11.48 -4.99 -9.65
CA ASN B 158 -11.54 -5.03 -9.64
C ASN B 158 -10.28 -5.92 -9.65
C ASN B 158 -10.34 -5.98 -9.59
N SER B 159 -10.28 -6.94 -10.50
CA SER B 159 -9.12 -7.83 -10.58
C SER B 159 -7.96 -7.16 -11.28
N ASP B 160 -8.24 -6.36 -12.32
CA ASP B 160 -7.20 -5.58 -12.97
C ASP B 160 -6.46 -4.70 -11.96
N ALA B 161 -7.20 -4.01 -11.10
CA ALA B 161 -6.59 -3.16 -10.09
C ALA B 161 -5.73 -3.97 -9.14
N GLY B 162 -6.35 -4.93 -8.44
CA GLY B 162 -5.64 -5.67 -7.40
C GLY B 162 -4.39 -6.37 -7.90
N ASN B 163 -4.45 -6.92 -9.11
CA ASN B 163 -3.29 -7.61 -9.68
C ASN B 163 -2.14 -6.64 -9.89
N ALA B 164 -2.44 -5.45 -10.42
CA ALA B 164 -1.37 -4.51 -10.75
C ALA B 164 -0.67 -3.98 -9.50
N MET B 165 -1.38 -3.91 -8.37
N MET B 165 -1.38 -3.93 -8.37
CA MET B 165 -0.74 -3.46 -7.13
CA MET B 165 -0.76 -3.47 -7.13
C MET B 165 0.36 -4.42 -6.71
C MET B 165 0.35 -4.42 -6.69
N GLY B 166 0.14 -5.72 -6.87
CA GLY B 166 1.19 -6.68 -6.59
C GLY B 166 2.41 -6.45 -7.47
N ARG B 167 2.17 -6.13 -8.74
CA ARG B 167 3.31 -5.85 -9.63
C ARG B 167 3.99 -4.54 -9.23
N LEU B 168 3.21 -3.50 -8.91
CA LEU B 168 3.80 -2.27 -8.38
C LEU B 168 4.71 -2.58 -7.20
N GLN B 169 4.23 -3.40 -6.27
CA GLN B 169 5.05 -3.82 -5.14
C GLN B 169 6.34 -4.48 -5.60
N THR B 170 6.24 -5.36 -6.60
CA THR B 170 7.42 -6.05 -7.12
C THR B 170 8.42 -5.04 -7.69
N LEU B 171 7.93 -4.07 -8.47
CA LEU B 171 8.83 -3.13 -9.12
C LEU B 171 9.45 -2.16 -8.12
N ARG B 172 8.70 -1.77 -7.08
CA ARG B 172 9.26 -0.93 -6.02
C ARG B 172 10.53 -1.54 -5.45
N GLN B 173 10.47 -2.84 -5.13
CA GLN B 173 11.64 -3.53 -4.58
C GLN B 173 12.81 -3.48 -5.54
N GLN B 174 12.58 -3.87 -6.80
CA GLN B 174 13.67 -3.89 -7.78
C GLN B 174 14.27 -2.51 -7.98
N LEU B 175 13.45 -1.46 -7.88
CA LEU B 175 13.94 -0.10 -8.09
C LEU B 175 14.68 0.44 -6.86
N VAL B 176 14.15 0.21 -5.65
CA VAL B 176 14.84 0.70 -4.45
C VAL B 176 16.19 0.01 -4.29
N THR B 177 16.26 -1.27 -4.64
CA THR B 177 17.53 -1.99 -4.60
C THR B 177 18.55 -1.36 -5.55
N THR B 178 18.12 -1.04 -6.78
CA THR B 178 19.04 -0.40 -7.72
C THR B 178 19.44 0.99 -7.24
N LEU B 179 18.50 1.73 -6.63
CA LEU B 179 18.82 3.05 -6.10
C LEU B 179 19.77 2.94 -4.92
N SER B 180 19.58 1.93 -4.06
N SER B 180 19.57 1.94 -4.05
CA SER B 180 20.47 1.75 -2.92
CA SER B 180 20.48 1.76 -2.92
C SER B 180 21.88 1.38 -3.36
C SER B 180 21.88 1.38 -3.37
N GLU B 181 22.01 0.68 -4.49
CA GLU B 181 23.33 0.33 -5.00
C GLU B 181 24.03 1.54 -5.59
N ARG B 182 23.32 2.33 -6.39
N ARG B 182 23.31 2.35 -6.37
CA ARG B 182 23.90 3.56 -6.92
CA ARG B 182 23.91 3.56 -6.92
C ARG B 182 24.25 4.54 -5.81
C ARG B 182 24.22 4.57 -5.83
N GLY B 183 23.46 4.56 -4.74
CA GLY B 183 23.77 5.43 -3.61
C GLY B 183 25.06 5.05 -2.92
N GLN B 184 25.29 3.75 -2.73
CA GLN B 184 26.55 3.28 -2.17
C GLN B 184 27.64 3.13 -3.22
N GLN B 185 27.32 3.37 -4.50
CA GLN B 185 28.33 3.52 -5.56
C GLN B 185 29.17 4.78 -5.40
N ILE B 186 29.07 5.43 -4.25
CA ILE B 186 29.78 6.67 -3.96
C ILE B 186 30.77 6.46 -2.82
#